data_6LY4
#
_entry.id   6LY4
#
_cell.length_a   96.543
_cell.length_b   55.738
_cell.length_c   94.396
_cell.angle_alpha   90.000
_cell.angle_beta   94.336
_cell.angle_gamma   90.000
#
_symmetry.space_group_name_H-M   'C 1 2 1'
#
loop_
_entity.id
_entity.type
_entity.pdbx_description
1 polymer 'Bifunctional cytochrome P450/NADPH--P450 reductase'
2 non-polymer TESTOSTERONE
3 non-polymer IMIDAZOLE
4 non-polymer 1,2-ETHANEDIOL
5 non-polymer 'PROTOPORPHYRIN IX CONTAINING FE'
6 water water
#
_entity_poly.entity_id   1
_entity_poly.type   'polypeptide(L)'
_entity_poly.pdbx_seq_one_letter_code
;MKHHHHHHPMSDYDIPTTENLYFQGAIKEMPQPKTFGELKNLPLLNTDKPVQALMKIADELGEIFKFEAPGWVTRYLSSQ
RLIKEACDESRFDKNLWQALKYLRDILGDGLGSSWTHEKNWKKAHNILLPSFSQQAMKGYHAMMVDIAVQLVQKWERLNA
DEHIEVPEDMTRLTLDTIGLCGFNYRFNSFYRDQPHPFITSTVRALDEAQNKQQRANPDDPAYDENKRQFQEDTKVMNDL
VDKIIADRKASGEQSDDLLTHMLNGKDPETGEPLDDENIRYQIITFLIAGHETTSGLLSFALYFLVKNPHVLQKAAEEAA
RVLVDPVPSYKQVKQLKYVGMVLNEALRLWPTGPWFSLYAKEDTVLGGEYPLEKGDELMVLIPQLHRDKTIWGDDVEEFR
PERFENPSAIPQHAFKPFGNGQRACIGQQFALHEATLVLGMMLKHFDFEDHTNYELDIKETLTLKPEGFVVKAKSKKIPL
G
;
_entity_poly.pdbx_strand_id   A
#
loop_
_chem_comp.id
_chem_comp.type
_chem_comp.name
_chem_comp.formula
EDO non-polymer 1,2-ETHANEDIOL 'C2 H6 O2'
HEM non-polymer 'PROTOPORPHYRIN IX CONTAINING FE' 'C34 H32 Fe N4 O4'
IMD non-polymer IMIDAZOLE 'C3 H5 N2 1'
TES non-polymer TESTOSTERONE 'C19 H28 O2'
#
# COMPACT_ATOMS: atom_id res chain seq x y z
N LYS A 28 28.57 6.78 17.31
CA LYS A 28 27.92 6.93 18.61
C LYS A 28 26.85 8.04 18.61
N GLU A 29 27.26 9.28 18.31
CA GLU A 29 26.33 10.41 18.28
C GLU A 29 25.46 10.37 17.03
N MET A 30 24.17 10.55 17.20
CA MET A 30 23.33 10.25 16.04
C MET A 30 23.20 11.48 15.14
N PRO A 31 23.40 11.31 13.84
CA PRO A 31 23.21 12.40 12.90
C PRO A 31 21.79 12.95 12.98
N GLN A 32 21.66 14.25 12.70
CA GLN A 32 20.40 14.94 12.72
C GLN A 32 20.48 16.16 11.82
N PRO A 33 19.47 16.44 11.00
CA PRO A 33 19.53 17.64 10.13
C PRO A 33 19.34 18.91 10.94
N LYS A 34 19.58 20.07 10.29
CA LYS A 34 19.59 21.29 11.09
C LYS A 34 18.20 21.61 11.63
N THR A 35 18.20 22.30 12.77
CA THR A 35 17.01 22.68 13.50
C THR A 35 16.72 24.17 13.30
N PHE A 36 15.49 24.54 13.63
CA PHE A 36 14.97 25.89 13.40
C PHE A 36 14.34 26.40 14.71
N GLY A 37 15.19 26.60 15.70
CA GLY A 37 14.70 27.01 17.01
C GLY A 37 13.64 26.05 17.53
N GLU A 38 12.57 26.64 18.05
CA GLU A 38 11.52 25.85 18.69
C GLU A 38 10.73 25.01 17.71
N LEU A 39 10.85 25.26 16.41
CA LEU A 39 10.28 24.36 15.42
C LEU A 39 11.12 23.10 15.22
N LYS A 40 12.31 23.03 15.82
CA LYS A 40 13.20 21.85 15.73
C LYS A 40 13.37 21.54 14.23
N ASN A 41 13.21 20.29 13.80
CA ASN A 41 13.42 19.91 12.40
C ASN A 41 12.17 20.04 11.55
N LEU A 42 11.04 20.35 12.19
CA LEU A 42 9.76 20.32 11.47
C LEU A 42 9.76 21.08 10.15
N PRO A 43 10.38 22.25 10.01
CA PRO A 43 10.29 22.95 8.71
C PRO A 43 10.94 22.21 7.56
N LEU A 44 11.75 21.19 7.83
CA LEU A 44 12.34 20.42 6.74
C LEU A 44 11.34 19.50 6.07
N LEU A 45 10.14 19.32 6.65
CA LEU A 45 9.11 18.41 6.15
C LEU A 45 7.89 19.14 5.61
N ASN A 46 7.99 20.44 5.43
CA ASN A 46 6.97 21.28 4.82
C ASN A 46 6.96 21.08 3.30
N THR A 47 6.32 20.00 2.89
CA THR A 47 6.38 19.56 1.50
C THR A 47 5.23 18.59 1.25
N ASP A 48 4.79 18.52 0.00
CA ASP A 48 3.80 17.53 -0.35
C ASP A 48 4.41 16.18 -0.69
N LYS A 49 5.75 16.07 -0.70
CA LYS A 49 6.44 14.81 -0.98
C LYS A 49 7.39 14.44 0.15
N PRO A 50 6.84 14.06 1.31
CA PRO A 50 7.71 13.86 2.47
C PRO A 50 8.62 12.64 2.36
N VAL A 51 8.17 11.49 1.83
CA VAL A 51 9.13 10.38 1.79
C VAL A 51 10.29 10.72 0.86
N GLN A 52 10.01 11.43 -0.23
CA GLN A 52 11.09 11.83 -1.14
C GLN A 52 12.02 12.82 -0.49
N ALA A 53 11.47 13.73 0.32
CA ALA A 53 12.31 14.68 1.03
C ALA A 53 13.17 13.99 2.07
N LEU A 54 12.60 13.00 2.75
CA LEU A 54 13.37 12.29 3.78
C LEU A 54 14.41 11.36 3.16
N MET A 55 14.15 10.83 1.97
CA MET A 55 15.18 10.07 1.27
C MET A 55 16.38 10.96 0.97
N LYS A 56 16.13 12.22 0.60
CA LYS A 56 17.26 13.14 0.31
C LYS A 56 18.04 13.45 1.61
N ILE A 57 17.36 13.57 2.75
CA ILE A 57 18.08 13.73 4.01
C ILE A 57 18.89 12.49 4.31
N ALA A 58 18.34 11.29 4.04
CA ALA A 58 19.12 10.06 4.25
C ALA A 58 20.33 10.03 3.31
N ASP A 59 20.16 10.51 2.08
CA ASP A 59 21.29 10.57 1.16
C ASP A 59 22.44 11.34 1.80
N GLU A 60 22.12 12.43 2.49
CA GLU A 60 23.16 13.26 3.06
C GLU A 60 23.67 12.71 4.39
N LEU A 61 22.77 12.16 5.24
CA LEU A 61 23.15 11.85 6.61
C LEU A 61 23.42 10.36 6.85
N GLY A 62 23.02 9.49 5.94
CA GLY A 62 23.32 8.08 6.02
C GLY A 62 22.22 7.19 6.59
N GLU A 63 22.65 6.10 7.22
CA GLU A 63 21.72 5.02 7.53
C GLU A 63 20.77 5.33 8.67
N ILE A 64 21.05 6.33 9.48
CA ILE A 64 20.17 6.68 10.58
C ILE A 64 20.31 8.16 10.89
N PHE A 65 19.17 8.81 11.08
CA PHE A 65 19.22 10.17 11.58
C PHE A 65 17.99 10.41 12.43
N LYS A 66 18.19 11.24 13.44
CA LYS A 66 17.12 11.66 14.31
C LYS A 66 16.36 12.82 13.68
N PHE A 67 15.07 12.91 13.98
CA PHE A 67 14.23 13.98 13.49
C PHE A 67 13.25 14.36 14.60
N GLU A 68 13.26 15.64 14.99
CA GLU A 68 12.43 16.12 16.09
C GLU A 68 11.47 17.17 15.60
N ALA A 69 10.26 17.05 16.05
CA ALA A 69 9.26 18.07 15.81
C ALA A 69 8.84 18.54 17.20
N PRO A 70 8.10 19.65 17.33
CA PRO A 70 7.65 20.02 18.68
C PRO A 70 6.80 18.94 19.33
N GLY A 71 6.09 18.14 18.54
CA GLY A 71 5.17 17.16 19.08
C GLY A 71 5.68 15.73 19.12
N TRP A 72 6.76 15.43 18.39
CA TRP A 72 7.20 14.04 18.29
C TRP A 72 8.67 13.97 17.90
N VAL A 73 9.27 12.81 18.17
CA VAL A 73 10.64 12.51 17.76
C VAL A 73 10.68 11.11 17.16
N THR A 74 11.45 10.95 16.08
CA THR A 74 11.70 9.61 15.56
C THR A 74 13.13 9.52 15.04
N ARG A 75 13.55 8.30 14.70
CA ARG A 75 14.84 8.08 14.05
C ARG A 75 14.57 7.34 12.75
N TYR A 76 14.99 7.93 11.63
CA TYR A 76 14.77 7.32 10.32
C TYR A 76 15.88 6.36 9.92
N LEU A 77 15.51 5.12 9.59
CA LEU A 77 16.44 4.05 9.28
C LEU A 77 16.39 3.72 7.79
N SER A 78 17.57 3.52 7.21
CA SER A 78 17.70 3.26 5.79
C SER A 78 18.57 2.08 5.43
N SER A 79 19.34 1.51 6.35
CA SER A 79 20.24 0.42 5.97
C SER A 79 19.63 -0.91 6.38
N GLN A 80 19.91 -1.95 5.58
CA GLN A 80 19.47 -3.30 5.96
C GLN A 80 20.08 -3.73 7.30
N ARG A 81 21.33 -3.33 7.55
CA ARG A 81 21.99 -3.71 8.78
C ARG A 81 21.18 -3.26 10.00
N LEU A 82 20.67 -2.03 9.98
CA LEU A 82 19.91 -1.53 11.12
C LEU A 82 18.45 -1.98 11.09
N ILE A 83 17.87 -2.08 9.89
CA ILE A 83 16.46 -2.46 9.80
C ILE A 83 16.28 -3.92 10.21
N LYS A 84 17.28 -4.78 9.93
CA LYS A 84 17.17 -6.16 10.39
C LYS A 84 17.04 -6.22 11.90
N GLU A 85 17.77 -5.35 12.61
CA GLU A 85 17.64 -5.27 14.05
C GLU A 85 16.27 -4.76 14.48
N ALA A 86 15.77 -3.71 13.80
CA ALA A 86 14.48 -3.16 14.17
C ALA A 86 13.37 -4.16 13.99
N CYS A 87 13.57 -5.18 13.16
CA CYS A 87 12.56 -6.18 12.83
C CYS A 87 12.60 -7.35 13.79
N ASP A 88 13.43 -7.25 14.82
CA ASP A 88 13.48 -8.25 15.88
C ASP A 88 12.36 -7.95 16.86
N GLU A 89 11.27 -8.73 16.78
CA GLU A 89 10.06 -8.49 17.56
C GLU A 89 10.25 -8.74 19.05
N SER A 90 11.34 -9.39 19.44
CA SER A 90 11.61 -9.45 20.87
C SER A 90 12.15 -8.13 21.42
N ARG A 91 12.58 -7.20 20.55
CA ARG A 91 13.14 -5.91 20.95
C ARG A 91 12.31 -4.71 20.55
N PHE A 92 11.51 -4.84 19.48
CA PHE A 92 10.76 -3.71 18.91
C PHE A 92 9.36 -4.16 18.52
N ASP A 93 8.36 -3.33 18.80
CA ASP A 93 6.97 -3.59 18.40
C ASP A 93 6.53 -2.52 17.43
N LYS A 94 5.46 -2.81 16.68
CA LYS A 94 4.94 -1.80 15.77
C LYS A 94 4.55 -0.55 16.53
N ASN A 95 4.90 0.61 15.98
CA ASN A 95 4.57 1.91 16.55
C ASN A 95 3.52 2.59 15.68
N LEU A 96 2.58 3.33 16.31
CA LEU A 96 1.64 4.16 15.55
C LEU A 96 2.33 5.50 15.36
N TRP A 97 2.87 5.71 14.16
CA TRP A 97 3.52 6.97 13.89
C TRP A 97 2.44 8.05 13.70
N GLN A 98 2.88 9.32 13.62
CA GLN A 98 1.94 10.43 13.81
C GLN A 98 0.75 10.35 12.84
N ALA A 99 1.01 10.15 11.55
CA ALA A 99 -0.12 10.14 10.62
C ALA A 99 -1.06 8.96 10.88
N LEU A 100 -0.52 7.83 11.34
CA LEU A 100 -1.35 6.68 11.71
C LEU A 100 -2.23 6.95 12.93
N LYS A 101 -1.66 7.63 13.95
CA LYS A 101 -2.47 8.11 15.06
C LYS A 101 -3.62 8.97 14.60
N TYR A 102 -3.37 9.87 13.65
CA TYR A 102 -4.48 10.70 13.15
C TYR A 102 -5.53 9.84 12.49
N LEU A 103 -5.11 8.79 11.76
CA LEU A 103 -6.09 7.97 11.07
C LEU A 103 -6.99 7.25 12.06
N ARG A 104 -6.58 7.10 13.33
CA ARG A 104 -7.48 6.47 14.30
C ARG A 104 -8.79 7.21 14.45
N ASP A 105 -8.83 8.50 14.10
CA ASP A 105 -10.12 9.21 14.16
C ASP A 105 -11.16 8.56 13.24
N ILE A 106 -10.72 7.90 12.17
CA ILE A 106 -11.59 7.20 11.24
C ILE A 106 -11.56 5.69 11.48
N LEU A 107 -10.37 5.15 11.72
CA LEU A 107 -10.16 3.70 11.69
C LEU A 107 -10.11 3.07 13.08
N GLY A 108 -10.16 3.87 14.14
CA GLY A 108 -10.18 3.36 15.50
C GLY A 108 -9.09 2.35 15.75
N ASP A 109 -9.49 1.24 16.37
CA ASP A 109 -8.60 0.11 16.61
C ASP A 109 -8.84 -1.02 15.61
N GLY A 110 -9.14 -0.63 14.37
CA GLY A 110 -9.07 -1.53 13.24
C GLY A 110 -7.67 -2.11 13.12
N LEU A 111 -7.52 -3.10 12.24
CA LEU A 111 -6.32 -3.97 12.29
C LEU A 111 -5.04 -3.17 12.18
N GLY A 112 -4.95 -2.28 11.22
CA GLY A 112 -3.66 -1.61 10.99
C GLY A 112 -3.39 -0.40 11.86
N SER A 113 -4.42 0.09 12.56
CA SER A 113 -4.31 1.32 13.33
C SER A 113 -4.33 1.03 14.82
N SER A 114 -4.31 -0.27 15.20
CA SER A 114 -4.29 -0.65 16.61
C SER A 114 -2.85 -0.93 17.04
N TRP A 115 -2.58 -0.70 18.33
CA TRP A 115 -1.36 -1.22 18.95
C TRP A 115 -1.44 -2.74 19.04
N THR A 116 -0.28 -3.38 18.99
CA THR A 116 -0.24 -4.85 19.01
C THR A 116 -0.84 -5.39 20.29
N HIS A 117 -0.69 -4.64 21.40
CA HIS A 117 -1.18 -5.04 22.71
C HIS A 117 -2.64 -4.66 22.93
N GLU A 118 -3.25 -3.94 22.01
CA GLU A 118 -4.66 -3.63 22.16
C GLU A 118 -5.50 -4.86 21.90
N LYS A 119 -6.48 -5.10 22.78
CA LYS A 119 -7.27 -6.31 22.73
C LYS A 119 -7.78 -6.62 21.33
N ASN A 120 -8.27 -5.60 20.62
CA ASN A 120 -8.88 -5.88 19.33
C ASN A 120 -7.87 -6.20 18.24
N TRP A 121 -6.57 -6.00 18.43
CA TRP A 121 -5.64 -6.35 17.35
C TRP A 121 -5.61 -7.88 17.19
N LYS A 122 -5.22 -8.59 18.25
CA LYS A 122 -5.09 -10.03 18.13
C LYS A 122 -6.42 -10.68 17.83
N LYS A 123 -7.50 -10.16 18.44
CA LYS A 123 -8.85 -10.70 18.18
C LYS A 123 -9.19 -10.61 16.70
N ALA A 124 -9.09 -9.41 16.13
CA ALA A 124 -9.46 -9.26 14.71
C ALA A 124 -8.48 -10.01 13.81
N HIS A 125 -7.18 -9.99 14.17
CA HIS A 125 -6.20 -10.78 13.42
C HIS A 125 -6.60 -12.26 13.35
N ASN A 126 -6.94 -12.84 14.50
CA ASN A 126 -7.31 -14.25 14.51
C ASN A 126 -8.58 -14.51 13.72
N ILE A 127 -9.56 -13.62 13.85
CA ILE A 127 -10.84 -13.79 13.18
C ILE A 127 -10.71 -13.64 11.66
N LEU A 128 -9.82 -12.75 11.19
CA LEU A 128 -9.79 -12.42 9.76
C LEU A 128 -8.68 -13.13 8.99
N LEU A 129 -7.68 -13.66 9.68
CA LEU A 129 -6.58 -14.30 8.95
C LEU A 129 -7.03 -15.41 8.00
N PRO A 130 -8.03 -16.23 8.32
CA PRO A 130 -8.46 -17.25 7.35
C PRO A 130 -9.07 -16.67 6.10
N SER A 131 -9.49 -15.39 6.12
CA SER A 131 -9.94 -14.82 4.87
C SER A 131 -8.79 -14.58 3.90
N PHE A 132 -7.55 -14.84 4.33
CA PHE A 132 -6.41 -14.64 3.45
C PHE A 132 -5.62 -15.95 3.28
N SER A 133 -6.24 -17.08 3.60
CA SER A 133 -5.69 -18.41 3.30
C SER A 133 -5.49 -18.59 1.79
N GLN A 134 -4.64 -19.54 1.42
CA GLN A 134 -4.54 -19.87 0.00
C GLN A 134 -5.87 -20.38 -0.53
N GLN A 135 -6.62 -21.11 0.30
CA GLN A 135 -7.96 -21.53 -0.11
C GLN A 135 -8.90 -20.34 -0.31
N ALA A 136 -8.82 -19.36 0.57
CA ALA A 136 -9.61 -18.14 0.33
C ALA A 136 -9.22 -17.48 -0.99
N MET A 137 -7.92 -17.39 -1.28
N MET A 137 -7.92 -17.40 -1.27
CA MET A 137 -7.47 -16.77 -2.52
CA MET A 137 -7.44 -16.78 -2.50
C MET A 137 -8.04 -17.48 -3.75
C MET A 137 -8.02 -17.47 -3.74
N LYS A 138 -8.01 -18.80 -3.75
CA LYS A 138 -8.62 -19.54 -4.83
C LYS A 138 -10.08 -19.18 -4.98
N GLY A 139 -10.78 -19.01 -3.85
CA GLY A 139 -12.17 -18.59 -3.89
C GLY A 139 -12.39 -17.19 -4.41
N TYR A 140 -11.42 -16.28 -4.21
CA TYR A 140 -11.53 -14.91 -4.72
C TYR A 140 -11.26 -14.82 -6.21
N HIS A 141 -10.58 -15.81 -6.77
CA HIS A 141 -10.01 -15.67 -8.11
C HIS A 141 -11.07 -15.26 -9.15
N ALA A 142 -12.20 -15.95 -9.18
CA ALA A 142 -13.24 -15.67 -10.19
C ALA A 142 -13.79 -14.25 -10.06
N MET A 143 -13.87 -13.74 -8.84
CA MET A 143 -14.29 -12.35 -8.67
C MET A 143 -13.21 -11.37 -9.12
N MET A 144 -11.93 -11.68 -8.86
CA MET A 144 -10.87 -10.82 -9.38
C MET A 144 -10.90 -10.80 -10.90
N VAL A 145 -11.14 -11.95 -11.52
CA VAL A 145 -11.28 -12.00 -12.99
C VAL A 145 -12.43 -11.12 -13.46
N ASP A 146 -13.56 -11.18 -12.78
CA ASP A 146 -14.72 -10.35 -13.15
C ASP A 146 -14.31 -8.89 -13.30
N ILE A 147 -13.61 -8.32 -12.31
CA ILE A 147 -13.24 -6.92 -12.39
C ILE A 147 -12.13 -6.72 -13.45
N ALA A 148 -11.18 -7.65 -13.51
CA ALA A 148 -10.11 -7.53 -14.52
C ALA A 148 -10.69 -7.51 -15.92
N VAL A 149 -11.71 -8.34 -16.18
CA VAL A 149 -12.31 -8.35 -17.51
C VAL A 149 -12.97 -7.00 -17.79
N GLN A 150 -13.56 -6.39 -16.76
CA GLN A 150 -14.13 -5.05 -16.96
C GLN A 150 -13.07 -4.01 -17.32
N LEU A 151 -11.89 -4.10 -16.73
CA LEU A 151 -10.79 -3.20 -17.13
C LEU A 151 -10.42 -3.41 -18.59
N VAL A 152 -10.18 -4.67 -18.99
CA VAL A 152 -9.75 -4.94 -20.37
C VAL A 152 -10.82 -4.46 -21.33
N GLN A 153 -12.11 -4.73 -21.02
CA GLN A 153 -13.17 -4.29 -21.93
C GLN A 153 -13.23 -2.77 -22.00
N LYS A 154 -13.02 -2.06 -20.87
CA LYS A 154 -13.01 -0.60 -20.99
C LYS A 154 -11.97 -0.17 -22.03
N TRP A 155 -10.75 -0.74 -21.92
CA TRP A 155 -9.67 -0.32 -22.83
C TRP A 155 -9.93 -0.77 -24.26
N GLU A 156 -10.53 -1.95 -24.46
CA GLU A 156 -10.88 -2.38 -25.81
C GLU A 156 -11.82 -1.42 -26.49
N ARG A 157 -12.59 -0.69 -25.68
CA ARG A 157 -13.69 0.13 -26.19
C ARG A 157 -13.33 1.60 -26.35
N LEU A 158 -12.09 1.98 -26.07
CA LEU A 158 -11.68 3.36 -26.30
C LEU A 158 -11.56 3.64 -27.78
N ASN A 159 -11.81 4.88 -28.15
CA ASN A 159 -11.65 5.28 -29.53
C ASN A 159 -10.20 5.65 -29.80
N ALA A 160 -9.92 5.88 -31.08
CA ALA A 160 -8.57 6.11 -31.57
C ALA A 160 -7.93 7.34 -30.94
N ASP A 161 -8.72 8.38 -30.70
CA ASP A 161 -8.17 9.64 -30.17
C ASP A 161 -8.05 9.67 -28.65
N GLU A 162 -8.24 8.52 -27.97
CA GLU A 162 -8.28 8.53 -26.51
C GLU A 162 -7.02 7.92 -25.92
N HIS A 163 -6.86 8.11 -24.62
CA HIS A 163 -5.74 7.50 -23.90
C HIS A 163 -6.29 6.99 -22.58
N ILE A 164 -5.41 6.37 -21.80
CA ILE A 164 -5.74 5.76 -20.52
C ILE A 164 -5.13 6.59 -19.40
N GLU A 165 -5.92 6.88 -18.36
CA GLU A 165 -5.41 7.49 -17.13
C GLU A 165 -5.07 6.33 -16.20
N VAL A 166 -3.78 6.03 -16.09
CA VAL A 166 -3.45 4.71 -15.54
C VAL A 166 -3.81 4.56 -14.05
N PRO A 167 -3.33 5.40 -13.13
CA PRO A 167 -3.73 5.20 -11.73
C PRO A 167 -5.23 5.30 -11.52
N GLU A 168 -5.92 6.17 -12.29
CA GLU A 168 -7.37 6.28 -12.15
C GLU A 168 -8.06 4.95 -12.48
N ASP A 169 -7.64 4.30 -13.57
CA ASP A 169 -8.26 3.02 -13.91
C ASP A 169 -7.78 1.89 -12.99
N MET A 170 -6.52 1.92 -12.54
CA MET A 170 -6.11 0.90 -11.58
C MET A 170 -6.90 0.99 -10.29
N THR A 171 -7.25 2.21 -9.86
CA THR A 171 -8.04 2.40 -8.63
C THR A 171 -9.48 1.98 -8.85
N ARG A 172 -10.03 2.22 -10.04
CA ARG A 172 -11.33 1.61 -10.35
C ARG A 172 -11.28 0.10 -10.13
N LEU A 173 -10.24 -0.55 -10.64
CA LEU A 173 -10.11 -2.00 -10.51
C LEU A 173 -9.88 -2.42 -9.07
N THR A 174 -8.98 -1.73 -8.36
CA THR A 174 -8.64 -2.29 -7.03
C THR A 174 -9.72 -2.02 -6.02
N LEU A 175 -10.40 -0.86 -6.10
CA LEU A 175 -11.55 -0.68 -5.20
C LEU A 175 -12.64 -1.68 -5.51
N ASP A 176 -12.96 -1.87 -6.80
CA ASP A 176 -14.01 -2.85 -7.08
C ASP A 176 -13.64 -4.25 -6.64
N THR A 177 -12.36 -4.61 -6.73
CA THR A 177 -11.96 -5.97 -6.36
C THR A 177 -12.10 -6.21 -4.87
N ILE A 178 -11.71 -5.24 -4.03
CA ILE A 178 -11.87 -5.49 -2.59
C ILE A 178 -13.35 -5.43 -2.23
N GLY A 179 -14.11 -4.52 -2.87
CA GLY A 179 -15.56 -4.51 -2.63
C GLY A 179 -16.22 -5.86 -2.89
N LEU A 180 -15.94 -6.43 -4.06
CA LEU A 180 -16.58 -7.66 -4.47
C LEU A 180 -16.07 -8.85 -3.65
N CYS A 181 -14.74 -9.02 -3.60
CA CYS A 181 -14.17 -10.16 -2.87
C CYS A 181 -14.41 -10.05 -1.38
N GLY A 182 -14.32 -8.85 -0.84
CA GLY A 182 -14.33 -8.73 0.63
C GLY A 182 -15.75 -8.61 1.17
N PHE A 183 -16.66 -8.00 0.37
CA PHE A 183 -17.95 -7.61 0.91
C PHE A 183 -19.12 -7.96 0.00
N ASN A 184 -18.88 -8.61 -1.12
CA ASN A 184 -19.92 -8.98 -2.07
C ASN A 184 -20.72 -7.74 -2.47
N TYR A 185 -19.99 -6.66 -2.63
CA TYR A 185 -20.59 -5.37 -2.92
C TYR A 185 -19.96 -4.82 -4.19
N ARG A 186 -20.82 -4.36 -5.16
CA ARG A 186 -20.28 -3.80 -6.40
C ARG A 186 -20.25 -2.27 -6.36
N PHE A 187 -19.04 -1.72 -6.29
CA PHE A 187 -18.87 -0.27 -6.41
C PHE A 187 -19.14 0.18 -7.82
N ASN A 188 -19.01 -0.73 -8.79
CA ASN A 188 -19.28 -0.39 -10.20
C ASN A 188 -18.48 0.85 -10.65
N SER A 189 -17.19 0.85 -10.32
CA SER A 189 -16.35 2.02 -10.64
C SER A 189 -16.18 2.21 -12.12
N PHE A 190 -16.24 1.11 -12.90
CA PHE A 190 -16.16 1.31 -14.34
C PHE A 190 -17.42 1.87 -14.97
N TYR A 191 -18.50 2.04 -14.20
CA TYR A 191 -19.71 2.70 -14.67
C TYR A 191 -19.72 4.20 -14.33
N ARG A 192 -18.59 4.74 -13.88
CA ARG A 192 -18.48 6.14 -13.48
C ARG A 192 -17.29 6.76 -14.18
N ASP A 193 -17.47 7.97 -14.76
CA ASP A 193 -16.28 8.53 -15.38
C ASP A 193 -15.51 9.42 -14.43
N GLN A 194 -16.05 9.71 -13.26
CA GLN A 194 -15.27 10.37 -12.18
C GLN A 194 -14.94 9.36 -11.12
N PRO A 195 -13.93 9.60 -10.27
CA PRO A 195 -13.65 8.63 -9.22
C PRO A 195 -14.86 8.43 -8.34
N HIS A 196 -14.95 7.24 -7.81
CA HIS A 196 -15.99 6.96 -6.85
C HIS A 196 -15.84 7.89 -5.64
N PRO A 197 -16.94 8.38 -5.05
CA PRO A 197 -16.82 9.32 -3.92
C PRO A 197 -16.00 8.76 -2.75
N PHE A 198 -16.05 7.43 -2.55
CA PHE A 198 -15.22 6.84 -1.50
C PHE A 198 -13.74 7.09 -1.77
N ILE A 199 -13.34 7.06 -3.05
CA ILE A 199 -11.94 7.32 -3.41
C ILE A 199 -11.57 8.77 -3.09
N THR A 200 -12.42 9.70 -3.54
CA THR A 200 -12.16 11.11 -3.30
C THR A 200 -12.04 11.41 -1.81
N SER A 201 -12.94 10.85 -1.00
CA SER A 201 -12.84 11.03 0.46
C SER A 201 -11.62 10.34 1.07
N THR A 202 -11.24 9.15 0.56
CA THR A 202 -10.02 8.46 1.03
C THR A 202 -8.80 9.32 0.78
N VAL A 203 -8.68 9.86 -0.44
CA VAL A 203 -7.49 10.67 -0.77
C VAL A 203 -7.44 11.90 0.12
N ARG A 204 -8.58 12.56 0.25
CA ARG A 204 -8.59 13.82 1.02
C ARG A 204 -8.29 13.55 2.50
N ALA A 205 -8.80 12.44 3.04
CA ALA A 205 -8.55 12.15 4.45
C ALA A 205 -7.08 11.75 4.68
N LEU A 206 -6.54 10.87 3.83
CA LEU A 206 -5.13 10.48 4.02
C LEU A 206 -4.20 11.66 3.75
N ASP A 207 -4.55 12.50 2.77
CA ASP A 207 -3.78 13.72 2.55
C ASP A 207 -3.77 14.65 3.78
N GLU A 208 -4.92 14.78 4.44
CA GLU A 208 -5.02 15.57 5.67
C GLU A 208 -4.18 14.96 6.79
N ALA A 209 -4.23 13.63 6.97
CA ALA A 209 -3.35 12.98 7.97
C ALA A 209 -1.87 13.23 7.64
N GLN A 210 -1.50 13.17 6.36
CA GLN A 210 -0.13 13.49 6.00
C GLN A 210 0.21 14.93 6.33
N ASN A 211 -0.67 15.86 5.95
CA ASN A 211 -0.34 17.28 6.12
C ASN A 211 -0.35 17.69 7.58
N LYS A 212 -1.27 17.11 8.37
N LYS A 212 -1.27 17.11 8.36
CA LYS A 212 -1.37 17.53 9.76
CA LYS A 212 -1.39 17.51 9.76
C LYS A 212 -0.07 17.30 10.51
C LYS A 212 -0.08 17.29 10.51
N GLN A 213 0.69 16.27 10.13
CA GLN A 213 2.00 16.01 10.75
C GLN A 213 2.94 17.18 10.65
N GLN A 214 2.81 17.98 9.62
CA GLN A 214 3.76 19.04 9.37
C GLN A 214 3.34 20.35 10.02
N ARG A 215 2.24 20.37 10.80
CA ARG A 215 1.72 21.60 11.39
C ARG A 215 2.30 21.75 12.78
N ALA A 216 2.95 22.89 13.04
CA ALA A 216 3.50 23.16 14.37
C ALA A 216 2.39 23.23 15.41
N ASN A 217 1.26 23.82 15.07
CA ASN A 217 0.14 24.02 16.00
C ASN A 217 -1.13 23.50 15.35
N PRO A 218 -1.36 22.19 15.36
CA PRO A 218 -2.48 21.65 14.58
C PRO A 218 -3.84 22.07 15.12
N ASP A 219 -3.94 22.49 16.37
CA ASP A 219 -5.22 22.92 16.89
C ASP A 219 -5.51 24.40 16.65
N ASP A 220 -4.60 25.10 15.97
CA ASP A 220 -4.88 26.47 15.53
C ASP A 220 -6.18 26.53 14.73
N PRO A 221 -7.04 27.52 14.95
CA PRO A 221 -8.27 27.64 14.15
C PRO A 221 -8.02 27.81 12.67
N ALA A 222 -6.80 28.12 12.25
CA ALA A 222 -6.47 28.12 10.84
C ALA A 222 -6.84 26.80 10.18
N TYR A 223 -6.89 25.73 10.95
CA TYR A 223 -7.13 24.41 10.41
C TYR A 223 -8.55 23.90 10.66
N ASP A 224 -9.44 24.78 11.12
CA ASP A 224 -10.83 24.35 11.37
C ASP A 224 -11.47 23.85 10.09
N GLU A 225 -11.21 24.49 8.95
CA GLU A 225 -11.85 24.02 7.72
C GLU A 225 -11.29 22.65 7.32
N ASN A 226 -10.02 22.40 7.59
CA ASN A 226 -9.47 21.06 7.36
C ASN A 226 -10.15 20.03 8.26
N LYS A 227 -10.36 20.37 9.52
CA LYS A 227 -11.09 19.46 10.40
C LYS A 227 -12.51 19.18 9.89
N ARG A 228 -13.25 20.23 9.50
CA ARG A 228 -14.59 20.04 8.96
C ARG A 228 -14.56 19.11 7.76
N GLN A 229 -13.62 19.33 6.84
CA GLN A 229 -13.58 18.47 5.68
C GLN A 229 -13.24 17.03 6.08
N PHE A 230 -12.34 16.84 7.04
CA PHE A 230 -11.99 15.50 7.50
C PHE A 230 -13.21 14.79 8.07
N GLN A 231 -14.03 15.50 8.85
CA GLN A 231 -15.27 14.93 9.37
C GLN A 231 -16.26 14.64 8.25
N GLU A 232 -16.32 15.50 7.22
CA GLU A 232 -17.17 15.21 6.07
C GLU A 232 -16.73 13.93 5.34
N ASP A 233 -15.43 13.76 5.14
CA ASP A 233 -14.94 12.55 4.49
C ASP A 233 -15.19 11.32 5.35
N THR A 234 -15.06 11.48 6.67
CA THR A 234 -15.38 10.37 7.56
C THR A 234 -16.84 9.95 7.41
N LYS A 235 -17.74 10.93 7.27
CA LYS A 235 -19.16 10.59 7.12
C LYS A 235 -19.41 9.90 5.78
N VAL A 236 -18.70 10.31 4.72
CA VAL A 236 -18.83 9.60 3.44
C VAL A 236 -18.50 8.12 3.63
N MET A 237 -17.39 7.86 4.33
CA MET A 237 -16.95 6.48 4.53
C MET A 237 -17.99 5.70 5.31
N ASN A 238 -18.47 6.29 6.40
CA ASN A 238 -19.44 5.61 7.26
C ASN A 238 -20.80 5.43 6.57
N ASP A 239 -21.22 6.34 5.70
CA ASP A 239 -22.43 6.08 4.92
C ASP A 239 -22.27 4.86 4.01
N LEU A 240 -21.08 4.70 3.41
CA LEU A 240 -20.87 3.52 2.56
C LEU A 240 -20.85 2.23 3.38
N VAL A 241 -20.24 2.27 4.56
CA VAL A 241 -20.29 1.12 5.49
C VAL A 241 -21.74 0.74 5.79
N ASP A 242 -22.59 1.74 6.07
CA ASP A 242 -24.02 1.46 6.28
C ASP A 242 -24.65 0.78 5.08
N LYS A 243 -24.30 1.23 3.86
CA LYS A 243 -24.88 0.57 2.70
C LYS A 243 -24.39 -0.86 2.58
N ILE A 244 -23.12 -1.09 2.83
CA ILE A 244 -22.60 -2.45 2.75
C ILE A 244 -23.28 -3.34 3.76
N ILE A 245 -23.43 -2.84 4.97
CA ILE A 245 -24.08 -3.66 5.99
C ILE A 245 -25.55 -3.92 5.65
N ALA A 246 -26.25 -2.90 5.16
CA ALA A 246 -27.64 -3.10 4.78
C ALA A 246 -27.75 -4.09 3.63
N ASP A 247 -26.83 -4.00 2.68
N ASP A 247 -26.82 -4.04 2.68
CA ASP A 247 -26.82 -4.90 1.53
CA ASP A 247 -26.92 -4.93 1.53
C ASP A 247 -26.69 -6.35 1.99
C ASP A 247 -26.65 -6.38 1.92
N ARG A 248 -25.76 -6.61 2.91
CA ARG A 248 -25.53 -7.96 3.39
C ARG A 248 -26.78 -8.49 4.08
N LYS A 249 -27.46 -7.63 4.85
CA LYS A 249 -28.70 -8.05 5.50
C LYS A 249 -29.76 -8.40 4.46
N ALA A 250 -29.79 -7.67 3.36
CA ALA A 250 -30.83 -7.86 2.35
C ALA A 250 -30.48 -8.89 1.28
N SER A 251 -29.32 -9.53 1.35
CA SER A 251 -28.98 -10.58 0.38
C SER A 251 -29.42 -11.96 0.86
N SER A 255 -22.62 -16.07 0.77
CA SER A 255 -21.36 -15.33 1.02
C SER A 255 -20.52 -15.90 2.13
N ASP A 256 -19.24 -16.18 1.83
CA ASP A 256 -18.25 -16.59 2.83
C ASP A 256 -17.05 -15.69 2.62
N ASP A 257 -17.11 -14.46 3.15
CA ASP A 257 -16.07 -13.50 2.84
C ASP A 257 -15.70 -12.74 4.10
N LEU A 258 -14.86 -11.73 3.91
CA LEU A 258 -14.32 -10.98 5.04
C LEU A 258 -15.45 -10.49 5.94
N LEU A 259 -16.48 -9.92 5.32
CA LEU A 259 -17.61 -9.42 6.10
C LEU A 259 -18.30 -10.54 6.87
N THR A 260 -18.44 -11.75 6.25
CA THR A 260 -19.03 -12.90 6.96
C THR A 260 -18.26 -13.16 8.24
N HIS A 261 -16.93 -13.18 8.12
CA HIS A 261 -16.11 -13.48 9.30
C HIS A 261 -16.17 -12.35 10.30
N MET A 262 -16.27 -11.09 9.83
CA MET A 262 -16.42 -9.99 10.78
C MET A 262 -17.70 -10.18 11.57
N LEU A 263 -18.77 -10.63 10.88
CA LEU A 263 -20.07 -10.70 11.55
C LEU A 263 -20.23 -11.99 12.34
N ASN A 264 -19.65 -13.10 11.90
CA ASN A 264 -19.97 -14.39 12.50
C ASN A 264 -18.81 -15.07 13.19
N GLY A 265 -17.59 -14.58 13.01
CA GLY A 265 -16.45 -15.30 13.52
C GLY A 265 -16.24 -15.07 15.01
N LYS A 266 -15.66 -16.08 15.66
CA LYS A 266 -15.26 -15.96 17.04
C LYS A 266 -13.75 -16.16 17.10
N ASP A 267 -13.09 -15.32 17.88
CA ASP A 267 -11.67 -15.47 18.12
C ASP A 267 -11.43 -16.79 18.84
N PRO A 268 -10.66 -17.72 18.28
CA PRO A 268 -10.45 -18.99 18.98
C PRO A 268 -9.72 -18.83 20.30
N GLU A 269 -9.00 -17.73 20.51
CA GLU A 269 -8.30 -17.53 21.77
C GLU A 269 -9.23 -17.05 22.89
N THR A 270 -9.83 -15.86 22.73
CA THR A 270 -10.76 -15.31 23.73
C THR A 270 -12.19 -15.81 23.60
N GLY A 271 -12.51 -16.63 22.60
CA GLY A 271 -13.89 -17.06 22.35
C GLY A 271 -14.84 -15.96 21.91
N GLU A 272 -14.37 -14.62 21.81
CA GLU A 272 -15.20 -13.43 21.63
C GLU A 272 -15.32 -13.06 20.16
N PRO A 273 -16.44 -12.43 19.81
CA PRO A 273 -16.57 -11.84 18.48
C PRO A 273 -16.14 -10.39 18.47
N LEU A 274 -16.02 -9.83 17.26
CA LEU A 274 -15.84 -8.39 17.20
C LEU A 274 -17.15 -7.70 17.52
N ASP A 275 -17.09 -6.58 18.25
CA ASP A 275 -18.34 -5.89 18.45
C ASP A 275 -18.64 -4.99 17.25
N ASP A 276 -19.84 -4.41 17.23
CA ASP A 276 -20.29 -3.66 16.05
C ASP A 276 -19.37 -2.46 15.77
N GLU A 277 -18.89 -1.79 16.82
CA GLU A 277 -18.02 -0.62 16.59
C GLU A 277 -16.73 -1.03 15.87
N ASN A 278 -16.08 -2.09 16.35
CA ASN A 278 -14.85 -2.52 15.71
C ASN A 278 -15.10 -3.07 14.29
N ILE A 279 -16.25 -3.73 14.07
CA ILE A 279 -16.59 -4.20 12.72
C ILE A 279 -16.58 -3.02 11.75
N ARG A 280 -17.27 -1.94 12.13
CA ARG A 280 -17.26 -0.72 11.29
C ARG A 280 -15.85 -0.26 10.97
N TYR A 281 -14.98 -0.20 12.00
CA TYR A 281 -13.59 0.18 11.74
C TYR A 281 -12.91 -0.78 10.79
N GLN A 282 -13.17 -2.08 10.91
CA GLN A 282 -12.52 -3.04 10.01
C GLN A 282 -13.04 -2.89 8.59
N ILE A 283 -14.33 -2.60 8.42
CA ILE A 283 -14.83 -2.45 7.06
C ILE A 283 -14.12 -1.28 6.37
N ILE A 284 -14.03 -0.14 7.05
CA ILE A 284 -13.34 0.99 6.43
C ILE A 284 -11.88 0.65 6.22
N THR A 285 -11.26 0.01 7.20
CA THR A 285 -9.86 -0.43 7.10
C THR A 285 -9.60 -1.18 5.81
N PHE A 286 -10.36 -2.24 5.57
CA PHE A 286 -10.10 -3.08 4.39
C PHE A 286 -10.50 -2.37 3.10
N LEU A 287 -11.54 -1.54 3.13
CA LEU A 287 -11.88 -0.82 1.89
C LEU A 287 -10.76 0.14 1.48
N ILE A 288 -10.15 0.83 2.45
CA ILE A 288 -9.02 1.70 2.12
C ILE A 288 -7.79 0.87 1.76
N ALA A 289 -7.33 0.03 2.71
CA ALA A 289 -6.07 -0.68 2.51
C ALA A 289 -6.17 -1.61 1.31
N GLY A 290 -7.37 -2.09 1.03
CA GLY A 290 -7.47 -3.04 -0.09
C GLY A 290 -7.32 -2.40 -1.48
N HIS A 291 -7.35 -1.08 -1.59
CA HIS A 291 -7.29 -0.47 -2.92
C HIS A 291 -6.09 0.41 -3.22
N GLU A 292 -5.55 1.21 -2.28
CA GLU A 292 -4.66 2.25 -2.82
C GLU A 292 -3.27 1.72 -3.11
N THR A 293 -2.66 0.97 -2.19
CA THR A 293 -1.31 0.50 -2.49
C THR A 293 -1.28 -0.43 -3.70
N THR A 294 -2.36 -1.19 -3.93
CA THR A 294 -2.33 -2.13 -5.05
C THR A 294 -2.50 -1.38 -6.37
N SER A 295 -3.28 -0.30 -6.35
CA SER A 295 -3.40 0.52 -7.54
C SER A 295 -2.08 1.22 -7.86
N GLY A 296 -1.43 1.77 -6.83
CA GLY A 296 -0.12 2.35 -7.06
C GLY A 296 0.88 1.35 -7.63
N LEU A 297 0.87 0.11 -7.11
CA LEU A 297 1.81 -0.88 -7.61
C LEU A 297 1.57 -1.16 -9.09
N LEU A 298 0.32 -1.43 -9.47
CA LEU A 298 0.05 -1.71 -10.88
C LEU A 298 0.49 -0.53 -11.73
N SER A 299 0.24 0.69 -11.25
CA SER A 299 0.59 1.89 -12.01
C SER A 299 2.11 2.04 -12.18
N PHE A 300 2.87 1.92 -11.06
CA PHE A 300 4.32 1.97 -11.16
C PHE A 300 4.85 0.85 -12.05
N ALA A 301 4.27 -0.35 -11.94
CA ALA A 301 4.73 -1.48 -12.76
C ALA A 301 4.58 -1.16 -14.23
N LEU A 302 3.41 -0.65 -14.61
CA LEU A 302 3.24 -0.28 -16.02
C LEU A 302 4.18 0.85 -16.43
N TYR A 303 4.40 1.81 -15.53
CA TYR A 303 5.36 2.88 -15.82
C TYR A 303 6.75 2.31 -16.13
N PHE A 304 7.26 1.43 -15.26
CA PHE A 304 8.60 0.89 -15.48
C PHE A 304 8.65 0.03 -16.72
N LEU A 305 7.56 -0.66 -17.05
CA LEU A 305 7.56 -1.46 -18.26
C LEU A 305 7.64 -0.58 -19.51
N VAL A 306 6.86 0.52 -19.56
CA VAL A 306 6.95 1.29 -20.81
C VAL A 306 8.27 2.04 -20.91
N LYS A 307 8.92 2.33 -19.77
CA LYS A 307 10.25 2.96 -19.78
C LYS A 307 11.35 1.96 -20.06
N ASN A 308 11.05 0.67 -19.99
CA ASN A 308 12.02 -0.40 -20.19
C ASN A 308 11.43 -1.40 -21.16
N PRO A 309 11.36 -1.04 -22.44
CA PRO A 309 10.64 -1.87 -23.43
C PRO A 309 11.13 -3.31 -23.55
N HIS A 310 12.41 -3.56 -23.37
CA HIS A 310 12.88 -4.94 -23.41
C HIS A 310 12.31 -5.77 -22.26
N VAL A 311 12.13 -5.14 -21.08
CA VAL A 311 11.48 -5.85 -19.98
C VAL A 311 10.01 -6.08 -20.29
N LEU A 312 9.35 -5.05 -20.82
CA LEU A 312 7.95 -5.21 -21.23
C LEU A 312 7.82 -6.37 -22.21
N GLN A 313 8.72 -6.49 -23.19
CA GLN A 313 8.65 -7.56 -24.16
C GLN A 313 8.74 -8.92 -23.48
N LYS A 314 9.69 -9.09 -22.56
CA LYS A 314 9.85 -10.35 -21.85
C LYS A 314 8.59 -10.71 -21.03
N ALA A 315 8.01 -9.72 -20.36
CA ALA A 315 6.78 -9.96 -19.58
C ALA A 315 5.60 -10.29 -20.50
N ALA A 316 5.47 -9.57 -21.60
CA ALA A 316 4.39 -9.85 -22.56
C ALA A 316 4.54 -11.25 -23.16
N GLU A 317 5.77 -11.68 -23.42
CA GLU A 317 6.01 -13.03 -23.94
C GLU A 317 5.54 -14.08 -22.95
N GLU A 318 5.81 -13.86 -21.66
CA GLU A 318 5.32 -14.81 -20.65
C GLU A 318 3.80 -14.80 -20.61
N ALA A 319 3.19 -13.61 -20.65
CA ALA A 319 1.73 -13.55 -20.59
C ALA A 319 1.10 -14.34 -21.72
N ALA A 320 1.65 -14.20 -22.93
CA ALA A 320 1.09 -14.89 -24.08
C ALA A 320 1.34 -16.40 -23.99
N ARG A 321 2.49 -16.79 -23.43
CA ARG A 321 2.80 -18.21 -23.35
C ARG A 321 1.93 -18.91 -22.30
N VAL A 322 1.65 -18.23 -21.18
CA VAL A 322 0.96 -18.85 -20.05
C VAL A 322 -0.55 -18.70 -20.16
N LEU A 323 -1.05 -17.51 -20.50
CA LEU A 323 -2.49 -17.25 -20.45
C LEU A 323 -3.14 -17.68 -21.77
N VAL A 324 -3.23 -19.01 -21.94
CA VAL A 324 -3.70 -19.57 -23.22
C VAL A 324 -5.21 -19.64 -23.33
N ASP A 325 -5.95 -19.39 -22.26
CA ASP A 325 -7.40 -19.48 -22.28
C ASP A 325 -8.04 -18.10 -22.22
N PRO A 326 -9.32 -17.98 -22.55
CA PRO A 326 -9.94 -16.64 -22.55
C PRO A 326 -10.01 -16.00 -21.16
N VAL A 327 -10.20 -16.82 -20.14
CA VAL A 327 -10.21 -16.45 -18.73
C VAL A 327 -8.95 -17.06 -18.10
N PRO A 328 -8.10 -16.29 -17.39
CA PRO A 328 -6.98 -16.92 -16.68
C PRO A 328 -7.47 -17.76 -15.53
N SER A 329 -6.88 -18.94 -15.39
CA SER A 329 -7.15 -19.79 -14.25
C SER A 329 -6.27 -19.38 -13.08
N TYR A 330 -6.67 -19.86 -11.89
CA TYR A 330 -5.87 -19.63 -10.69
C TYR A 330 -4.45 -20.18 -10.86
N LYS A 331 -4.34 -21.40 -11.39
CA LYS A 331 -3.02 -21.99 -11.59
C LYS A 331 -2.18 -21.17 -12.58
N GLN A 332 -2.80 -20.69 -13.68
CA GLN A 332 -2.06 -19.88 -14.64
C GLN A 332 -1.47 -18.62 -14.01
N VAL A 333 -2.23 -17.94 -13.14
CA VAL A 333 -1.67 -16.75 -12.48
C VAL A 333 -0.47 -17.12 -11.64
N LYS A 334 -0.53 -18.26 -10.94
CA LYS A 334 0.60 -18.73 -10.16
C LYS A 334 1.83 -19.05 -11.03
N GLN A 335 1.63 -19.27 -12.33
CA GLN A 335 2.72 -19.57 -13.26
C GLN A 335 3.33 -18.33 -13.90
N LEU A 336 2.80 -17.13 -13.61
CA LEU A 336 3.32 -15.89 -14.21
C LEU A 336 4.51 -15.39 -13.39
N LYS A 337 5.60 -16.16 -13.49
CA LYS A 337 6.76 -15.92 -12.61
C LYS A 337 7.43 -14.58 -12.93
N TYR A 338 7.63 -14.29 -14.24
CA TYR A 338 8.29 -13.04 -14.60
C TYR A 338 7.42 -11.84 -14.29
N VAL A 339 6.09 -11.95 -14.49
CA VAL A 339 5.21 -10.86 -14.07
C VAL A 339 5.32 -10.61 -12.57
N GLY A 340 5.42 -11.69 -11.77
CA GLY A 340 5.65 -11.52 -10.34
C GLY A 340 6.97 -10.82 -10.02
N MET A 341 8.00 -11.10 -10.80
CA MET A 341 9.28 -10.44 -10.59
C MET A 341 9.20 -8.95 -10.95
N VAL A 342 8.51 -8.63 -12.05
CA VAL A 342 8.25 -7.24 -12.42
C VAL A 342 7.60 -6.48 -11.26
N LEU A 343 6.58 -7.08 -10.61
CA LEU A 343 5.87 -6.41 -9.53
C LEU A 343 6.75 -6.24 -8.30
N ASN A 344 7.55 -7.28 -7.98
CA ASN A 344 8.46 -7.15 -6.85
C ASN A 344 9.51 -6.05 -7.10
N GLU A 345 9.99 -5.94 -8.34
CA GLU A 345 10.99 -4.93 -8.65
C GLU A 345 10.38 -3.53 -8.60
N ALA A 346 9.12 -3.40 -9.04
CA ALA A 346 8.39 -2.14 -8.86
C ALA A 346 8.22 -1.81 -7.39
N LEU A 347 7.91 -2.83 -6.57
CA LEU A 347 7.83 -2.62 -5.12
C LEU A 347 9.21 -2.36 -4.53
N ARG A 348 10.27 -2.85 -5.15
CA ARG A 348 11.57 -2.48 -4.63
C ARG A 348 11.81 -0.98 -4.80
N LEU A 349 11.65 -0.45 -6.02
CA LEU A 349 11.96 0.96 -6.25
C LEU A 349 10.97 1.89 -5.56
N TRP A 350 9.67 1.58 -5.58
CA TRP A 350 8.64 2.50 -5.04
C TRP A 350 7.60 1.70 -4.29
N PRO A 351 7.99 1.15 -3.13
CA PRO A 351 7.01 0.43 -2.30
C PRO A 351 5.89 1.39 -1.97
N THR A 352 4.66 0.98 -2.25
CA THR A 352 3.67 2.03 -2.36
C THR A 352 3.07 2.42 -1.02
N GLY A 353 3.38 1.73 0.06
CA GLY A 353 3.07 2.19 1.39
C GLY A 353 4.39 2.33 2.13
N PRO A 354 5.13 3.42 1.87
CA PRO A 354 6.61 3.37 2.01
C PRO A 354 7.14 3.54 3.42
N TRP A 355 6.30 3.29 4.44
CA TRP A 355 6.67 3.53 5.83
C TRP A 355 6.25 2.37 6.70
N PHE A 356 7.12 1.95 7.65
CA PHE A 356 6.54 1.30 8.83
C PHE A 356 7.38 1.69 10.04
N SER A 357 6.72 1.80 11.19
CA SER A 357 7.34 2.40 12.36
C SER A 357 7.39 1.38 13.49
N LEU A 358 8.46 1.47 14.29
CA LEU A 358 8.66 0.59 15.45
C LEU A 358 8.93 1.40 16.71
N TYR A 359 8.80 0.77 17.88
CA TYR A 359 9.32 1.44 19.07
C TYR A 359 10.06 0.41 19.90
N ALA A 360 11.01 0.91 20.71
CA ALA A 360 11.83 0.04 21.54
C ALA A 360 11.03 -0.50 22.72
N LYS A 361 10.96 -1.83 22.85
CA LYS A 361 10.15 -2.39 23.93
C LYS A 361 10.85 -2.23 25.25
N GLU A 362 12.19 -2.22 25.23
CA GLU A 362 13.03 -1.97 26.40
C GLU A 362 14.22 -1.16 25.92
N ASP A 363 14.98 -0.60 26.88
CA ASP A 363 16.25 0.03 26.53
C ASP A 363 17.08 -0.95 25.72
N THR A 364 17.75 -0.45 24.69
CA THR A 364 18.57 -1.33 23.89
C THR A 364 19.48 -0.47 23.03
N VAL A 365 20.57 -1.06 22.57
CA VAL A 365 21.55 -0.38 21.71
C VAL A 365 21.37 -0.91 20.30
N LEU A 366 21.16 0.00 19.35
CA LEU A 366 20.92 -0.37 17.97
C LEU A 366 22.23 -0.37 17.20
N GLY A 367 22.52 -1.47 16.52
CA GLY A 367 23.70 -1.52 15.70
C GLY A 367 25.00 -1.46 16.47
N GLY A 368 24.95 -1.74 17.78
CA GLY A 368 26.12 -1.59 18.60
C GLY A 368 26.59 -0.17 18.84
N GLU A 369 25.88 0.84 18.33
CA GLU A 369 26.40 2.21 18.32
C GLU A 369 25.42 3.24 18.87
N TYR A 370 24.11 2.98 18.76
CA TYR A 370 23.07 3.96 19.05
C TYR A 370 22.19 3.49 20.20
N PRO A 371 22.43 3.95 21.43
CA PRO A 371 21.57 3.55 22.54
C PRO A 371 20.16 4.14 22.38
N LEU A 372 19.16 3.28 22.55
CA LEU A 372 17.78 3.70 22.52
C LEU A 372 17.19 3.45 23.90
N GLU A 373 16.24 4.31 24.28
CA GLU A 373 15.47 4.14 25.51
C GLU A 373 14.14 3.47 25.18
N LYS A 374 13.62 2.71 26.14
CA LYS A 374 12.26 2.17 26.07
C LYS A 374 11.30 3.25 25.57
N GLY A 375 10.53 2.90 24.54
CA GLY A 375 9.60 3.84 23.96
C GLY A 375 10.12 4.65 22.80
N ASP A 376 11.44 4.67 22.55
CA ASP A 376 11.96 5.46 21.43
C ASP A 376 11.42 4.94 20.10
N GLU A 377 11.01 5.86 19.23
CA GLU A 377 10.43 5.51 17.94
C GLU A 377 11.47 5.44 16.82
N LEU A 378 11.24 4.51 15.90
CA LEU A 378 12.04 4.31 14.71
C LEU A 378 11.10 4.36 13.54
N MET A 379 11.55 4.90 12.41
N MET A 379 11.56 4.93 12.44
CA MET A 379 10.75 4.82 11.19
CA MET A 379 10.84 4.86 11.18
C MET A 379 11.59 4.20 10.09
C MET A 379 11.69 4.07 10.20
N VAL A 380 11.09 3.10 9.53
CA VAL A 380 11.75 2.46 8.39
C VAL A 380 11.37 3.22 7.12
N LEU A 381 12.37 3.81 6.47
CA LEU A 381 12.20 4.48 5.16
C LEU A 381 12.33 3.42 4.08
N ILE A 382 11.22 2.72 3.74
CA ILE A 382 11.33 1.51 2.90
C ILE A 382 12.00 1.81 1.56
N PRO A 383 11.68 2.88 0.83
CA PRO A 383 12.36 3.06 -0.48
C PRO A 383 13.86 3.19 -0.31
N GLN A 384 14.32 3.72 0.83
CA GLN A 384 15.77 3.85 1.01
C GLN A 384 16.41 2.52 1.39
N LEU A 385 15.75 1.75 2.27
CA LEU A 385 16.18 0.37 2.52
C LEU A 385 16.41 -0.34 1.20
N HIS A 386 15.46 -0.18 0.25
CA HIS A 386 15.50 -0.89 -1.01
C HIS A 386 16.56 -0.36 -1.95
N ARG A 387 17.32 0.66 -1.55
CA ARG A 387 18.42 1.20 -2.35
C ARG A 387 19.75 0.99 -1.63
N ASP A 388 19.79 0.08 -0.66
CA ASP A 388 21.02 -0.20 0.09
C ASP A 388 22.01 -0.92 -0.83
N LYS A 389 23.05 -0.21 -1.24
CA LYS A 389 23.95 -0.77 -2.23
C LYS A 389 24.73 -1.98 -1.71
N THR A 390 24.92 -2.10 -0.39
CA THR A 390 25.64 -3.26 0.13
C THR A 390 24.82 -4.53 -0.02
N ILE A 391 23.53 -4.40 -0.26
CA ILE A 391 22.65 -5.53 -0.51
C ILE A 391 22.47 -5.76 -2.00
N TRP A 392 22.09 -4.72 -2.74
CA TRP A 392 21.62 -4.86 -4.11
C TRP A 392 22.70 -4.61 -5.16
N GLY A 393 23.84 -4.05 -4.80
CA GLY A 393 24.80 -3.61 -5.79
C GLY A 393 24.62 -2.15 -6.14
N ASP A 394 25.47 -1.65 -7.03
CA ASP A 394 25.50 -0.21 -7.29
C ASP A 394 24.38 0.24 -8.20
N ASP A 395 23.82 -0.66 -9.00
CA ASP A 395 22.79 -0.30 -9.96
C ASP A 395 21.38 -0.20 -9.33
N VAL A 396 21.27 0.25 -8.07
CA VAL A 396 20.00 0.25 -7.33
C VAL A 396 18.89 1.01 -8.03
N GLU A 397 19.21 1.91 -8.96
CA GLU A 397 18.17 2.66 -9.64
C GLU A 397 17.69 2.02 -10.93
N GLU A 398 18.34 0.95 -11.39
CA GLU A 398 17.93 0.27 -12.60
C GLU A 398 16.74 -0.62 -12.31
N PHE A 399 15.80 -0.66 -13.23
CA PHE A 399 14.63 -1.54 -13.11
C PHE A 399 15.03 -2.87 -13.73
N ARG A 400 15.30 -3.87 -12.89
CA ARG A 400 15.84 -5.14 -13.37
C ARG A 400 15.11 -6.25 -12.62
N PRO A 401 13.99 -6.73 -13.15
CA PRO A 401 13.22 -7.79 -12.46
C PRO A 401 14.02 -9.05 -12.19
N GLU A 402 15.08 -9.30 -12.97
CA GLU A 402 15.93 -10.45 -12.80
C GLU A 402 16.56 -10.50 -11.42
N ARG A 403 16.54 -9.38 -10.66
CA ARG A 403 17.01 -9.43 -9.27
C ARG A 403 16.25 -10.46 -8.47
N PHE A 404 14.99 -10.73 -8.84
CA PHE A 404 14.08 -11.59 -8.11
C PHE A 404 13.93 -12.95 -8.76
N GLU A 405 14.86 -13.32 -9.63
CA GLU A 405 14.79 -14.62 -10.30
C GLU A 405 14.85 -15.75 -9.28
N ASN A 406 15.72 -15.63 -8.29
CA ASN A 406 15.77 -16.59 -7.19
C ASN A 406 15.50 -15.84 -5.90
N PRO A 407 14.27 -15.89 -5.38
CA PRO A 407 13.94 -15.07 -4.22
C PRO A 407 14.69 -15.51 -2.96
N SER A 408 15.03 -16.80 -2.84
CA SER A 408 15.77 -17.21 -1.66
C SER A 408 17.15 -16.59 -1.57
N ALA A 409 17.66 -16.01 -2.66
CA ALA A 409 18.96 -15.35 -2.62
C ALA A 409 18.88 -13.91 -2.11
N ILE A 410 17.70 -13.41 -1.74
CA ILE A 410 17.66 -12.05 -1.20
C ILE A 410 17.80 -12.13 0.31
N PRO A 411 18.73 -11.38 0.91
CA PRO A 411 18.98 -11.53 2.35
C PRO A 411 17.76 -11.19 3.20
N GLN A 412 17.71 -11.78 4.39
CA GLN A 412 16.60 -11.50 5.28
C GLN A 412 16.52 -10.01 5.57
N HIS A 413 15.28 -9.49 5.57
CA HIS A 413 14.94 -8.12 5.94
C HIS A 413 15.52 -7.08 4.98
N ALA A 414 15.95 -7.48 3.78
CA ALA A 414 16.39 -6.51 2.78
C ALA A 414 15.25 -5.95 1.93
N PHE A 415 14.14 -6.67 1.86
CA PHE A 415 13.01 -6.36 0.95
C PHE A 415 11.75 -6.40 1.80
N LYS A 416 11.21 -5.23 2.16
CA LYS A 416 10.15 -5.17 3.17
C LYS A 416 8.96 -4.31 2.75
N PRO A 417 8.45 -4.47 1.52
CA PRO A 417 7.34 -3.62 1.07
C PRO A 417 6.03 -3.89 1.81
N PHE A 418 5.94 -4.99 2.56
CA PHE A 418 4.77 -5.38 3.29
C PHE A 418 5.01 -5.33 4.79
N GLY A 419 6.02 -4.58 5.24
CA GLY A 419 6.19 -4.46 6.69
C GLY A 419 6.84 -5.70 7.28
N ASN A 420 6.55 -5.92 8.56
CA ASN A 420 7.35 -6.92 9.28
C ASN A 420 6.56 -7.68 10.33
N GLY A 421 6.86 -8.97 10.44
CA GLY A 421 6.47 -9.71 11.65
C GLY A 421 4.97 -9.96 11.75
N GLN A 422 4.47 -9.98 13.00
CA GLN A 422 3.05 -10.28 13.15
C GLN A 422 2.20 -9.12 12.67
N ARG A 423 2.79 -7.93 12.54
CA ARG A 423 2.11 -6.77 11.97
C ARG A 423 2.43 -6.57 10.48
N ALA A 424 2.95 -7.59 9.81
CA ALA A 424 3.10 -7.48 8.35
C ALA A 424 1.73 -7.40 7.65
N CYS A 425 1.75 -7.01 6.38
CA CYS A 425 0.52 -6.84 5.59
C CYS A 425 -0.29 -8.13 5.56
N ILE A 426 -1.53 -8.10 6.07
CA ILE A 426 -2.39 -9.29 5.99
C ILE A 426 -2.85 -9.51 4.55
N GLY A 427 -2.84 -8.46 3.73
CA GLY A 427 -3.34 -8.50 2.36
C GLY A 427 -2.31 -8.80 1.28
N GLN A 428 -1.07 -9.10 1.68
CA GLN A 428 0.06 -9.22 0.73
C GLN A 428 -0.24 -10.21 -0.39
N GLN A 429 -0.72 -11.42 -0.05
CA GLN A 429 -0.99 -12.42 -1.09
C GLN A 429 -2.17 -12.02 -1.95
N PHE A 430 -3.19 -11.39 -1.36
CA PHE A 430 -4.33 -10.84 -2.11
C PHE A 430 -3.86 -9.81 -3.13
N ALA A 431 -3.08 -8.82 -2.68
CA ALA A 431 -2.56 -7.79 -3.58
C ALA A 431 -1.75 -8.42 -4.73
N LEU A 432 -0.85 -9.34 -4.40
CA LEU A 432 0.04 -9.84 -5.47
C LEU A 432 -0.73 -10.72 -6.43
N HIS A 433 -1.76 -11.43 -5.95
CA HIS A 433 -2.51 -12.27 -6.88
C HIS A 433 -3.32 -11.41 -7.83
N GLU A 434 -3.99 -10.40 -7.28
CA GLU A 434 -4.72 -9.43 -8.08
C GLU A 434 -3.80 -8.76 -9.09
N ALA A 435 -2.66 -8.25 -8.61
CA ALA A 435 -1.79 -7.50 -9.51
C ALA A 435 -1.17 -8.39 -10.56
N THR A 436 -0.82 -9.64 -10.21
CA THR A 436 -0.25 -10.54 -11.22
C THR A 436 -1.29 -10.89 -12.26
N LEU A 437 -2.53 -11.18 -11.81
CA LEU A 437 -3.59 -11.49 -12.77
C LEU A 437 -3.82 -10.32 -13.72
N VAL A 438 -3.89 -9.11 -13.16
CA VAL A 438 -4.32 -7.96 -13.96
C VAL A 438 -3.21 -7.56 -14.90
N LEU A 439 -1.99 -7.48 -14.37
CA LEU A 439 -0.89 -7.11 -15.25
C LEU A 439 -0.69 -8.16 -16.32
N GLY A 440 -0.86 -9.44 -16.00
CA GLY A 440 -0.78 -10.46 -17.04
C GLY A 440 -1.83 -10.27 -18.12
N MET A 441 -3.08 -10.04 -17.72
CA MET A 441 -4.11 -9.81 -18.74
C MET A 441 -3.81 -8.54 -19.55
N MET A 442 -3.31 -7.49 -18.90
CA MET A 442 -2.99 -6.25 -19.62
C MET A 442 -1.94 -6.52 -20.70
N LEU A 443 -0.90 -7.26 -20.34
CA LEU A 443 0.19 -7.55 -21.28
C LEU A 443 -0.23 -8.55 -22.35
N LYS A 444 -1.20 -9.38 -22.05
CA LYS A 444 -1.72 -10.30 -23.05
C LYS A 444 -2.56 -9.58 -24.10
N HIS A 445 -3.32 -8.57 -23.67
CA HIS A 445 -4.36 -8.03 -24.52
C HIS A 445 -3.98 -6.74 -25.24
N PHE A 446 -2.92 -6.03 -24.82
CA PHE A 446 -2.56 -4.75 -25.46
C PHE A 446 -1.06 -4.59 -25.58
N ASP A 447 -0.65 -3.87 -26.62
CA ASP A 447 0.63 -3.19 -26.62
C ASP A 447 0.45 -1.79 -26.05
N PHE A 448 1.49 -1.27 -25.39
CA PHE A 448 1.40 0.02 -24.72
C PHE A 448 2.37 1.04 -25.29
N GLU A 449 1.94 2.30 -25.36
CA GLU A 449 2.73 3.42 -25.85
C GLU A 449 2.81 4.50 -24.77
N ASP A 450 4.04 4.92 -24.44
CA ASP A 450 4.29 6.09 -23.60
C ASP A 450 4.23 7.33 -24.49
N HIS A 451 3.00 7.71 -24.86
CA HIS A 451 2.79 8.65 -25.94
C HIS A 451 3.11 10.10 -25.57
N THR A 452 3.20 10.43 -24.28
CA THR A 452 3.58 11.76 -23.82
C THR A 452 5.03 11.81 -23.37
N ASN A 453 5.76 10.69 -23.45
CA ASN A 453 7.07 10.57 -22.82
C ASN A 453 6.98 11.09 -21.38
N TYR A 454 6.14 10.38 -20.63
CA TYR A 454 5.71 10.81 -19.30
C TYR A 454 6.90 10.97 -18.37
N GLU A 455 6.95 12.10 -17.66
CA GLU A 455 7.99 12.37 -16.66
C GLU A 455 7.48 11.99 -15.27
N LEU A 456 8.14 11.01 -14.64
CA LEU A 456 7.64 10.46 -13.38
C LEU A 456 7.46 11.57 -12.34
N ASP A 457 6.25 11.65 -11.77
CA ASP A 457 5.93 12.62 -10.72
C ASP A 457 5.23 11.84 -9.62
N ILE A 458 5.88 11.64 -8.48
CA ILE A 458 5.32 10.74 -7.48
C ILE A 458 4.51 11.56 -6.50
N LYS A 459 3.19 11.34 -6.51
CA LYS A 459 2.34 11.98 -5.54
C LYS A 459 2.29 11.15 -4.25
N GLU A 460 2.30 11.84 -3.12
CA GLU A 460 2.26 11.21 -1.80
C GLU A 460 1.00 11.64 -1.08
N THR A 461 0.17 10.65 -0.70
CA THR A 461 -0.96 10.89 0.21
C THR A 461 -0.91 9.73 1.19
N LEU A 462 0.19 9.68 1.92
CA LEU A 462 0.72 8.50 2.61
C LEU A 462 1.17 7.54 1.51
N THR A 463 0.24 6.93 0.81
N THR A 463 0.24 6.93 0.81
N THR A 463 0.22 6.95 0.78
CA THR A 463 0.72 6.03 -0.23
CA THR A 463 0.72 6.03 -0.23
CA THR A 463 0.56 5.99 -0.27
C THR A 463 1.28 6.80 -1.42
C THR A 463 1.28 6.80 -1.42
C THR A 463 1.01 6.72 -1.55
N LEU A 464 1.89 6.05 -2.32
CA LEU A 464 2.55 6.60 -3.49
C LEU A 464 1.84 6.22 -4.79
N LYS A 465 1.86 7.14 -5.76
CA LYS A 465 1.38 6.81 -7.10
C LYS A 465 2.07 7.71 -8.13
N PRO A 466 2.17 7.25 -9.36
CA PRO A 466 2.75 8.10 -10.42
C PRO A 466 1.69 9.03 -10.98
N GLU A 467 1.60 10.22 -10.40
CA GLU A 467 0.53 11.16 -10.77
C GLU A 467 0.56 11.52 -12.24
N GLY A 468 -0.61 11.43 -12.90
CA GLY A 468 -0.63 11.90 -14.28
C GLY A 468 -0.11 10.89 -15.27
N PHE A 469 0.20 9.67 -14.84
CA PHE A 469 0.76 8.70 -15.78
C PHE A 469 -0.35 8.24 -16.73
N VAL A 470 -0.08 8.38 -18.02
CA VAL A 470 -1.04 8.07 -19.08
C VAL A 470 -0.30 7.26 -20.12
N VAL A 471 -1.04 6.39 -20.82
CA VAL A 471 -0.51 5.61 -21.94
C VAL A 471 -1.60 5.52 -22.99
N LYS A 472 -1.23 5.04 -24.16
CA LYS A 472 -2.21 4.58 -25.15
C LYS A 472 -2.03 3.08 -25.30
N ALA A 473 -3.14 2.36 -25.45
CA ALA A 473 -3.09 0.91 -25.59
C ALA A 473 -3.57 0.57 -26.98
N LYS A 474 -2.84 -0.29 -27.67
CA LYS A 474 -3.25 -0.78 -28.97
C LYS A 474 -3.66 -2.23 -28.77
N SER A 475 -4.92 -2.55 -29.07
CA SER A 475 -5.42 -3.89 -28.80
C SER A 475 -4.74 -4.95 -29.66
N LYS A 476 -4.41 -6.09 -29.01
CA LYS A 476 -3.90 -7.23 -29.74
C LYS A 476 -5.02 -8.05 -30.34
N LYS A 477 -6.27 -7.62 -30.08
CA LYS A 477 -7.46 -8.17 -30.71
C LYS A 477 -7.67 -9.62 -30.32
N ILE A 478 -7.45 -9.91 -29.06
CA ILE A 478 -7.59 -11.26 -28.54
C ILE A 478 -8.89 -11.32 -27.75
N PRO A 479 -9.85 -12.12 -28.17
CA PRO A 479 -11.17 -12.10 -27.53
C PRO A 479 -11.11 -12.57 -26.10
N LEU A 480 -12.02 -12.03 -25.30
CA LEU A 480 -12.27 -12.56 -23.97
C LEU A 480 -13.28 -13.72 -24.03
C1 TES B . 0.79 2.37 5.59
C2 TES B . 1.94 3.32 5.19
C3 TES B . 1.51 4.08 4.05
O3 TES B . 2.30 4.56 3.28
C4 TES B . 0.17 4.29 3.86
C5 TES B . -0.81 3.93 4.72
C6 TES B . -2.23 4.40 4.46
C7 TES B . -3.35 3.31 4.72
C8 TES B . -3.04 2.70 6.10
C9 TES B . -1.61 2.13 6.20
C10 TES B . -0.49 3.13 5.93
C11 TES B . -1.43 1.37 7.53
C12 TES B . -2.55 0.11 7.74
C13 TES B . -3.87 0.85 7.61
C14 TES B . -4.00 1.50 6.23
C15 TES B . -5.49 1.88 6.18
C16 TES B . -6.16 0.67 6.87
C17 TES B . -4.92 -0.26 7.52
O17 TES B . -5.32 -0.82 8.76
C18 TES B . -4.11 1.77 8.82
C19 TES B . -0.29 4.10 7.11
N1 IMD C . -2.47 -0.05 2.19
C2 IMD C . -2.56 -1.37 2.24
N3 IMD C . -1.76 -1.83 3.22
C4 IMD C . -1.11 -0.76 3.80
C5 IMD C . -1.57 0.34 3.11
C1 EDO D . 4.88 -10.39 -27.26
O1 EDO D . 3.86 -11.31 -26.89
C2 EDO D . 4.28 -9.04 -27.65
O2 EDO D . 3.60 -9.12 -28.91
C1 EDO E . -7.27 14.40 11.78
O1 EDO E . -6.78 13.81 13.00
C2 EDO E . -8.22 15.58 12.03
O2 EDO E . -7.93 16.65 11.10
C1 EDO F . 11.80 9.25 -18.81
O1 EDO F . 11.01 10.33 -18.32
C2 EDO F . 12.16 9.52 -20.27
O2 EDO F . 11.72 8.45 -21.12
C1 EDO G . -4.57 15.80 -2.59
O1 EDO G . -3.36 16.50 -2.93
C2 EDO G . -5.59 16.09 -3.69
O2 EDO G . -5.62 14.98 -4.59
C1 EDO H . 0.05 11.38 -29.45
O1 EDO H . -0.99 11.79 -28.55
C2 EDO H . 0.09 9.85 -29.56
O2 EDO H . 1.34 9.42 -30.11
C1 EDO I . -7.28 6.23 -4.10
O1 EDO I . -7.67 6.48 -2.74
C2 EDO I . -6.35 7.22 -4.82
O2 EDO I . -6.89 7.76 -6.07
C1 EDO J . -10.81 3.08 19.53
O1 EDO J . -10.51 3.37 20.90
C2 EDO J . -11.30 4.34 18.83
O2 EDO J . -10.22 5.24 18.61
CHA HEM K . -0.33 -3.66 6.68
CHB HEM K . 1.88 -2.54 2.48
CHC HEM K . -1.95 -4.43 0.01
CHD HEM K . -4.42 -4.63 4.22
C1A HEM K . 0.60 -3.27 5.75
C2A HEM K . 1.89 -2.75 6.07
C3A HEM K . 2.49 -2.45 4.87
C4A HEM K . 1.60 -2.74 3.82
CMA HEM K . 3.86 -1.83 4.60
CAA HEM K . 2.52 -2.54 7.46
CBA HEM K . 2.15 -1.10 8.00
CGA HEM K . 2.77 -0.87 9.36
O1A HEM K . 2.40 0.15 10.00
O2A HEM K . 3.60 -1.65 9.88
C1B HEM K . 1.00 -3.00 1.44
C2B HEM K . 1.35 -2.95 0.05
C3B HEM K . 0.29 -3.51 -0.65
C4B HEM K . -0.72 -3.89 0.35
CMB HEM K . 2.65 -2.39 -0.58
CAB HEM K . 0.06 -3.68 -2.12
CBB HEM K . 1.06 -3.86 -3.02
C1C HEM K . -2.95 -4.66 0.95
C2C HEM K . -4.19 -5.25 0.68
C3C HEM K . -4.90 -5.28 1.87
C4C HEM K . -4.05 -4.74 2.91
CMC HEM K . -4.69 -5.65 -0.73
CAC HEM K . -6.28 -5.76 2.12
CBC HEM K . -6.94 -6.72 1.42
C1D HEM K . -3.46 -4.37 5.20
C2D HEM K . -3.86 -4.40 6.61
C3D HEM K . -2.69 -4.17 7.31
C4D HEM K . -1.63 -3.96 6.29
CMD HEM K . -5.24 -4.65 7.22
CAD HEM K . -2.55 -4.19 8.83
CBD HEM K . -2.12 -5.61 9.28
CGD HEM K . -2.03 -5.65 10.81
O1D HEM K . -1.49 -4.73 11.43
O2D HEM K . -2.52 -6.64 11.46
NA HEM K . 0.44 -3.25 4.35
NB HEM K . -0.22 -3.57 1.57
NC HEM K . -2.87 -4.39 2.30
ND HEM K . -2.13 -4.08 5.05
FE HEM K . -1.19 -3.86 3.36
#